data_2IVX
#
_entry.id   2IVX
#
_cell.length_a   43.032
_cell.length_b   58.636
_cell.length_c   65.634
_cell.angle_alpha   110.63
_cell.angle_beta   102.41
_cell.angle_gamma   90.12
#
_symmetry.space_group_name_H-M   'P 1'
#
loop_
_entity.id
_entity.type
_entity.pdbx_description
1 polymer CYCLIN-T2
2 non-polymer 1,2-ETHANEDIOL
3 water water
#
_entity_poly.entity_id   1
_entity_poly.type   'polypeptide(L)'
_entity_poly.pdbx_seq_one_letter_code
;ASSRWFFTREQLENTPSRRCGVEADKELSCRQQAANLIQEMGQRLNVSQLTINTAIVYMHRFYMHHSFTKFNKNIISSTA
LFLAAKVEEQARKLEHVIKVAHACLHPLEPLLDTKCDAYLQQTRELVILETIMLQTLGFEITIEHPHTDVVKCTQLVRAS
KDLAQTSYFMATNSLHLTTFCLQYKPTVIACVCIHLACKWSNWEIPVSTDGKHWWEYVDPTVTLELLDELTHEFLQILEK
TPNRLKKIRNWRANQAA
;
_entity_poly.pdbx_strand_id   A,B
#
loop_
_chem_comp.id
_chem_comp.type
_chem_comp.name
_chem_comp.formula
EDO non-polymer 1,2-ETHANEDIOL 'C2 H6 O2'
#
# COMPACT_ATOMS: atom_id res chain seq x y z
N ALA A 1 19.27 2.85 -15.55
CA ALA A 1 17.89 2.43 -15.19
C ALA A 1 16.91 3.48 -15.67
N SER A 2 15.65 3.10 -15.78
CA SER A 2 14.58 4.04 -16.00
C SER A 2 14.47 4.97 -14.78
N SER A 3 14.01 6.20 -15.03
CA SER A 3 14.02 7.24 -14.01
C SER A 3 13.16 6.90 -12.80
N ARG A 4 12.15 6.02 -12.95
CA ARG A 4 11.32 5.62 -11.82
C ARG A 4 12.11 4.81 -10.78
N TRP A 5 13.32 4.36 -11.12
CA TRP A 5 14.12 3.55 -10.21
C TRP A 5 15.24 4.31 -9.48
N PHE A 6 15.21 5.63 -9.60
CA PHE A 6 15.95 6.51 -8.71
C PHE A 6 14.97 7.32 -7.89
N PHE A 7 15.25 7.40 -6.60
CA PHE A 7 14.35 7.94 -5.62
C PHE A 7 14.97 9.14 -4.90
N THR A 8 14.11 10.08 -4.54
CA THR A 8 14.49 11.26 -3.76
C THR A 8 14.67 10.91 -2.28
N ARG A 9 15.31 11.83 -1.56
CA ARG A 9 15.43 11.74 -0.10
C ARG A 9 14.05 11.56 0.55
N GLU A 10 13.08 12.37 0.12
CA GLU A 10 11.71 12.30 0.63
C GLU A 10 11.09 10.92 0.40
N GLN A 11 11.34 10.36 -0.78
CA GLN A 11 10.85 9.02 -1.14
C GLN A 11 11.51 7.92 -0.32
N LEU A 12 12.79 8.09 -0.02
CA LEU A 12 13.52 7.11 0.78
C LEU A 12 13.13 7.18 2.26
N GLU A 13 12.57 8.32 2.67
CA GLU A 13 12.07 8.46 4.03
C GLU A 13 10.65 7.89 4.14
N ASN A 14 9.77 8.33 3.26
CA ASN A 14 8.36 7.95 3.29
C ASN A 14 8.09 6.70 2.47
N THR A 15 8.59 5.57 2.98
CA THR A 15 8.50 4.29 2.30
C THR A 15 7.25 3.55 2.76
N PRO A 16 6.86 2.47 2.05
CA PRO A 16 5.77 1.63 2.52
C PRO A 16 5.96 1.10 3.93
N SER A 17 7.19 0.69 4.25
CA SER A 17 7.52 0.19 5.58
C SER A 17 7.37 1.30 6.64
N ARG A 18 7.79 2.53 6.33
CA ARG A 18 7.61 3.66 7.27
C ARG A 18 6.13 3.84 7.60
N ARG A 19 5.28 3.79 6.58
CA ARG A 19 3.85 3.95 6.77
C ARG A 19 3.18 2.80 7.54
N CYS A 20 3.90 1.69 7.68
CA CYS A 20 3.48 0.55 8.51
C CYS A 20 4.15 0.55 9.89
N GLY A 21 4.83 1.66 10.24
CA GLY A 21 5.39 1.83 11.58
C GLY A 21 6.83 1.40 11.77
N VAL A 22 7.51 1.00 10.68
CA VAL A 22 8.91 0.58 10.74
C VAL A 22 9.79 1.82 10.76
N GLU A 23 10.60 1.94 11.80
CA GLU A 23 11.55 3.06 11.93
C GLU A 23 12.60 2.99 10.82
N ALA A 24 13.12 4.15 10.43
CA ALA A 24 14.07 4.23 9.32
C ALA A 24 15.29 3.34 9.54
N ASP A 25 15.86 3.38 10.74
CA ASP A 25 17.02 2.55 11.03
CA ASP A 25 17.02 2.55 11.07
C ASP A 25 16.68 1.05 11.00
N LYS A 26 15.47 0.70 11.45
CA LYS A 26 15.04 -0.70 11.41
C LYS A 26 14.87 -1.15 9.98
N GLU A 27 14.28 -0.31 9.13
CA GLU A 27 14.16 -0.64 7.71
C GLU A 27 15.51 -0.86 7.03
N LEU A 28 16.47 0.02 7.32
CA LEU A 28 17.83 -0.15 6.81
C LEU A 28 18.41 -1.49 7.27
N SER A 29 18.24 -1.81 8.55
CA SER A 29 18.69 -3.10 9.08
C SER A 29 18.04 -4.29 8.34
N CYS A 30 16.74 -4.21 8.06
CA CYS A 30 16.05 -5.25 7.28
C CYS A 30 16.66 -5.43 5.89
N ARG A 31 16.92 -4.33 5.20
CA ARG A 31 17.58 -4.41 3.89
C ARG A 31 18.96 -5.09 3.97
N GLN A 32 19.73 -4.72 5.00
CA GLN A 32 21.10 -5.23 5.19
C GLN A 32 21.06 -6.75 5.48
N GLN A 33 20.09 -7.14 6.31
CA GLN A 33 19.87 -8.55 6.64
C GLN A 33 19.45 -9.36 5.41
N ALA A 34 18.60 -8.78 4.56
CA ALA A 34 18.19 -9.41 3.32
C ALA A 34 19.37 -9.58 2.36
N ALA A 35 20.16 -8.51 2.17
CA ALA A 35 21.36 -8.61 1.34
C ALA A 35 22.31 -9.71 1.81
N ASN A 36 22.54 -9.73 3.12
CA ASN A 36 23.35 -10.74 3.73
C ASN A 36 22.85 -12.14 3.46
N LEU A 37 21.53 -12.34 3.52
CA LEU A 37 20.95 -13.66 3.25
C LEU A 37 21.13 -14.04 1.77
N ILE A 38 20.84 -13.09 0.88
CA ILE A 38 20.95 -13.27 -0.55
C ILE A 38 22.42 -13.66 -0.88
N GLN A 39 23.37 -12.99 -0.26
CA GLN A 39 24.80 -13.32 -0.44
C GLN A 39 25.13 -14.74 0.00
N GLU A 40 24.68 -15.12 1.18
CA GLU A 40 24.97 -16.45 1.71
C GLU A 40 24.32 -17.54 0.82
N MET A 41 23.06 -17.29 0.45
CA MET A 41 22.34 -18.24 -0.41
C MET A 41 22.98 -18.38 -1.78
N GLY A 42 23.32 -17.25 -2.39
CA GLY A 42 23.99 -17.24 -3.69
C GLY A 42 25.28 -18.02 -3.70
N GLN A 43 26.10 -17.83 -2.66
CA GLN A 43 27.32 -18.57 -2.47
C GLN A 43 27.07 -20.07 -2.44
N ARG A 44 26.07 -20.49 -1.67
CA ARG A 44 25.71 -21.90 -1.58
C ARG A 44 25.18 -22.48 -2.89
N LEU A 45 24.48 -21.65 -3.66
CA LEU A 45 23.96 -22.00 -4.98
C LEU A 45 25.05 -21.93 -6.06
N ASN A 46 26.25 -21.47 -5.70
CA ASN A 46 27.35 -21.30 -6.64
C ASN A 46 27.00 -20.40 -7.83
N VAL A 47 26.26 -19.33 -7.58
CA VAL A 47 26.00 -18.34 -8.63
C VAL A 47 27.06 -17.24 -8.53
N SER A 48 27.20 -16.49 -9.62
CA SER A 48 28.19 -15.42 -9.70
C SER A 48 27.87 -14.28 -8.74
N GLN A 49 28.90 -13.51 -8.37
CA GLN A 49 28.63 -12.31 -7.59
C GLN A 49 27.70 -11.35 -8.33
N LEU A 50 27.80 -11.27 -9.65
CA LEU A 50 26.84 -10.51 -10.47
C LEU A 50 25.39 -10.87 -10.17
N THR A 51 25.09 -12.17 -10.21
CA THR A 51 23.74 -12.69 -9.90
C THR A 51 23.23 -12.26 -8.52
N ILE A 52 24.11 -12.39 -7.53
CA ILE A 52 23.84 -11.94 -6.17
C ILE A 52 23.55 -10.43 -6.13
N ASN A 53 24.40 -9.64 -6.78
CA ASN A 53 24.21 -8.18 -6.82
C ASN A 53 22.85 -7.84 -7.43
N THR A 54 22.51 -8.48 -8.55
CA THR A 54 21.23 -8.26 -9.22
C THR A 54 20.03 -8.55 -8.29
N ALA A 55 20.10 -9.68 -7.60
CA ALA A 55 19.06 -10.06 -6.63
C ALA A 55 18.95 -9.03 -5.48
N ILE A 56 20.08 -8.50 -5.02
CA ILE A 56 20.05 -7.49 -3.96
C ILE A 56 19.35 -6.22 -4.45
N VAL A 57 19.63 -5.79 -5.69
CA VAL A 57 18.91 -4.62 -6.29
C VAL A 57 17.42 -4.90 -6.45
N TYR A 58 17.03 -6.09 -6.92
CA TYR A 58 15.61 -6.45 -6.96
C TYR A 58 14.96 -6.31 -5.58
N MET A 59 15.66 -6.78 -4.55
CA MET A 59 15.16 -6.69 -3.17
C MET A 59 14.95 -5.21 -2.78
N HIS A 60 15.99 -4.39 -3.01
CA HIS A 60 15.89 -2.97 -2.65
C HIS A 60 14.72 -2.31 -3.38
N ARG A 61 14.55 -2.58 -4.68
CA ARG A 61 13.48 -1.97 -5.46
C ARG A 61 12.09 -2.45 -5.02
N PHE A 62 11.98 -3.76 -4.80
CA PHE A 62 10.72 -4.37 -4.32
C PHE A 62 10.22 -3.62 -3.10
N TYR A 63 11.12 -3.34 -2.15
CA TYR A 63 10.74 -2.68 -0.90
C TYR A 63 10.58 -1.15 -0.96
N MET A 64 10.72 -0.57 -2.15
CA MET A 64 10.22 0.78 -2.39
C MET A 64 8.72 0.79 -2.69
N HIS A 65 8.12 -0.39 -2.85
CA HIS A 65 6.70 -0.51 -3.24
C HIS A 65 5.86 -1.37 -2.30
N HIS A 66 6.53 -2.10 -1.41
CA HIS A 66 5.89 -2.99 -0.45
C HIS A 66 6.62 -2.87 0.90
N SER A 67 5.90 -3.18 1.97
CA SER A 67 6.43 -3.10 3.34
C SER A 67 7.08 -4.42 3.78
N PHE A 68 8.17 -4.30 4.55
CA PHE A 68 8.74 -5.41 5.31
C PHE A 68 7.76 -6.06 6.29
N THR A 69 6.72 -5.34 6.70
CA THR A 69 5.70 -5.91 7.61
C THR A 69 4.74 -6.86 6.89
N LYS A 70 4.62 -6.71 5.56
CA LYS A 70 3.70 -7.50 4.75
C LYS A 70 4.39 -8.65 4.03
N PHE A 71 5.57 -8.40 3.50
CA PHE A 71 6.34 -9.43 2.81
C PHE A 71 7.61 -9.69 3.58
N ASN A 72 7.75 -10.93 4.05
CA ASN A 72 8.92 -11.35 4.81
C ASN A 72 10.20 -11.25 3.97
N LYS A 73 11.21 -10.57 4.48
CA LYS A 73 12.49 -10.42 3.77
C LYS A 73 13.13 -11.76 3.40
N ASN A 74 12.87 -12.80 4.19
CA ASN A 74 13.44 -14.12 3.90
C ASN A 74 12.88 -14.73 2.61
N ILE A 75 11.57 -14.63 2.43
CA ILE A 75 10.91 -15.16 1.23
CA ILE A 75 10.94 -15.16 1.22
C ILE A 75 11.20 -14.29 0.01
N ILE A 76 11.23 -12.96 0.20
CA ILE A 76 11.59 -12.06 -0.91
C ILE A 76 13.06 -12.25 -1.35
N SER A 77 13.96 -12.52 -0.39
CA SER A 77 15.35 -12.86 -0.75
C SER A 77 15.37 -14.10 -1.68
N SER A 78 14.62 -15.14 -1.33
CA SER A 78 14.52 -16.35 -2.19
C SER A 78 13.98 -16.04 -3.58
N THR A 79 12.96 -15.21 -3.61
CA THR A 79 12.27 -14.84 -4.84
C THR A 79 13.26 -14.10 -5.74
N ALA A 80 13.93 -13.12 -5.13
CA ALA A 80 14.87 -12.25 -5.84
C ALA A 80 16.00 -13.08 -6.46
N LEU A 81 16.53 -14.03 -5.69
CA LEU A 81 17.62 -14.90 -6.17
C LEU A 81 17.16 -15.88 -7.25
N PHE A 82 15.99 -16.48 -7.07
CA PHE A 82 15.42 -17.37 -8.09
C PHE A 82 15.28 -16.64 -9.43
N LEU A 83 14.77 -15.42 -9.38
CA LEU A 83 14.59 -14.61 -10.59
C LEU A 83 15.94 -14.17 -11.18
N ALA A 84 16.80 -13.62 -10.34
CA ALA A 84 18.13 -13.14 -10.75
C ALA A 84 18.95 -14.22 -11.45
N ALA A 85 18.92 -15.42 -10.90
CA ALA A 85 19.69 -16.53 -11.46
C ALA A 85 19.22 -16.87 -12.88
N LYS A 86 17.90 -16.82 -13.14
CA LYS A 86 17.39 -17.01 -14.50
C LYS A 86 17.80 -15.87 -15.43
N VAL A 87 17.63 -14.65 -14.97
CA VAL A 87 17.96 -13.44 -15.74
C VAL A 87 19.44 -13.40 -16.12
N GLU A 88 20.32 -13.77 -15.19
CA GLU A 88 21.77 -13.75 -15.43
C GLU A 88 22.30 -15.08 -16.06
N GLU A 89 21.39 -15.88 -16.62
CA GLU A 89 21.72 -17.11 -17.37
C GLU A 89 22.49 -18.15 -16.54
N GLN A 90 22.13 -18.30 -15.28
CA GLN A 90 22.60 -19.42 -14.44
C GLN A 90 21.48 -19.88 -13.53
N ALA A 91 20.42 -20.32 -14.21
CA ALA A 91 19.19 -20.70 -13.57
C ALA A 91 19.41 -21.82 -12.55
N ARG A 92 18.67 -21.71 -11.45
CA ARG A 92 18.69 -22.69 -10.38
C ARG A 92 17.26 -23.14 -10.17
N LYS A 93 17.09 -24.43 -9.85
CA LYS A 93 15.77 -25.00 -9.59
C LYS A 93 15.14 -24.39 -8.33
N LEU A 94 13.82 -24.24 -8.34
CA LEU A 94 13.12 -23.65 -7.18
C LEU A 94 13.39 -24.47 -5.90
N GLU A 95 13.43 -25.80 -6.06
CA GLU A 95 13.74 -26.70 -4.94
C GLU A 95 15.13 -26.41 -4.36
N HIS A 96 16.10 -26.14 -5.23
CA HIS A 96 17.47 -25.84 -4.80
C HIS A 96 17.49 -24.52 -4.00
N VAL A 97 16.86 -23.49 -4.55
CA VAL A 97 16.76 -22.20 -3.83
C VAL A 97 16.08 -22.34 -2.46
N ILE A 98 14.98 -23.09 -2.41
CA ILE A 98 14.25 -23.26 -1.17
C ILE A 98 15.10 -23.99 -0.12
N LYS A 99 15.79 -25.04 -0.54
CA LYS A 99 16.61 -25.82 0.37
C LYS A 99 17.83 -25.04 0.85
N VAL A 100 18.44 -24.26 -0.02
CA VAL A 100 19.54 -23.37 0.38
C VAL A 100 19.08 -22.30 1.39
N ALA A 101 17.91 -21.69 1.16
CA ALA A 101 17.35 -20.72 2.11
C ALA A 101 17.17 -21.40 3.49
N HIS A 102 16.62 -22.61 3.48
CA HIS A 102 16.43 -23.41 4.70
C HIS A 102 17.76 -23.70 5.42
N ALA A 103 18.80 -24.04 4.66
CA ALA A 103 20.14 -24.29 5.21
C ALA A 103 20.74 -23.04 5.86
N CYS A 104 20.43 -21.87 5.29
CA CYS A 104 20.92 -20.58 5.79
C CYS A 104 20.18 -20.08 7.03
N LEU A 105 18.85 -20.24 7.03
CA LEU A 105 17.99 -19.69 8.09
C LEU A 105 17.70 -20.70 9.21
N HIS A 106 17.66 -21.98 8.85
CA HIS A 106 17.23 -23.02 9.78
C HIS A 106 18.19 -24.23 9.77
N PRO A 107 19.49 -23.96 9.98
CA PRO A 107 20.50 -25.01 9.93
C PRO A 107 20.22 -26.15 10.91
N LEU A 108 19.58 -25.86 12.05
CA LEU A 108 19.34 -26.89 13.07
C LEU A 108 17.97 -27.58 12.98
N GLU A 109 17.14 -27.16 12.03
CA GLU A 109 15.88 -27.87 11.76
C GLU A 109 16.16 -29.11 10.90
N PRO A 110 15.22 -30.07 10.89
CA PRO A 110 15.47 -31.21 10.00
C PRO A 110 15.42 -30.77 8.55
N LEU A 111 15.99 -31.56 7.66
CA LEU A 111 15.97 -31.26 6.22
C LEU A 111 14.52 -31.30 5.72
N LEU A 112 14.25 -30.55 4.66
CA LEU A 112 12.89 -30.38 4.15
C LEU A 112 12.36 -31.66 3.50
N ASP A 113 11.09 -31.98 3.80
CA ASP A 113 10.38 -33.06 3.13
C ASP A 113 9.69 -32.45 1.90
N THR A 114 10.19 -32.81 0.72
CA THR A 114 9.70 -32.31 -0.56
C THR A 114 8.26 -32.73 -0.89
N LYS A 115 7.83 -33.84 -0.30
CA LYS A 115 6.51 -34.42 -0.60
C LYS A 115 5.39 -33.90 0.31
N CYS A 116 5.74 -33.10 1.32
CA CYS A 116 4.76 -32.67 2.32
C CYS A 116 4.06 -31.37 1.90
N ASP A 117 2.84 -31.18 2.42
CA ASP A 117 1.99 -30.04 2.07
C ASP A 117 2.62 -28.66 2.36
N ALA A 118 3.40 -28.57 3.45
CA ALA A 118 4.05 -27.32 3.82
C ALA A 118 5.11 -26.91 2.81
N TYR A 119 5.87 -27.89 2.33
CA TYR A 119 6.86 -27.64 1.28
C TYR A 119 6.15 -27.28 -0.04
N LEU A 120 5.12 -28.03 -0.39
CA LEU A 120 4.35 -27.74 -1.61
C LEU A 120 3.80 -26.30 -1.57
N GLN A 121 3.31 -25.87 -0.41
CA GLN A 121 2.76 -24.52 -0.27
C GLN A 121 3.81 -23.42 -0.40
N GLN A 122 5.02 -23.61 0.15
CA GLN A 122 6.04 -22.59 -0.06
C GLN A 122 6.51 -22.55 -1.53
N THR A 123 6.45 -23.67 -2.24
CA THR A 123 6.74 -23.63 -3.68
C THR A 123 5.69 -22.81 -4.43
N ARG A 124 4.42 -23.01 -4.09
CA ARG A 124 3.32 -22.24 -4.69
C ARG A 124 3.42 -20.75 -4.34
N GLU A 125 3.73 -20.42 -3.09
CA GLU A 125 3.92 -19.03 -2.68
C GLU A 125 5.04 -18.33 -3.45
N LEU A 126 6.16 -19.02 -3.62
CA LEU A 126 7.30 -18.48 -4.35
C LEU A 126 6.99 -18.20 -5.82
N VAL A 127 6.17 -19.03 -6.45
CA VAL A 127 5.85 -18.83 -7.86
C VAL A 127 4.98 -17.55 -7.99
N ILE A 128 4.02 -17.40 -7.08
CA ILE A 128 3.18 -16.20 -7.03
C ILE A 128 4.00 -14.94 -6.72
N LEU A 129 4.95 -15.05 -5.81
CA LEU A 129 5.78 -13.91 -5.45
C LEU A 129 6.68 -13.47 -6.59
N GLU A 130 7.12 -14.42 -7.42
CA GLU A 130 7.94 -14.05 -8.59
C GLU A 130 7.10 -13.18 -9.55
N THR A 131 5.83 -13.54 -9.72
CA THR A 131 4.90 -12.77 -10.58
C THR A 131 4.71 -11.37 -10.03
N ILE A 132 4.46 -11.30 -8.72
CA ILE A 132 4.31 -10.03 -8.02
C ILE A 132 5.59 -9.19 -8.14
N MET A 133 6.75 -9.80 -7.93
CA MET A 133 8.02 -9.09 -8.06
C MET A 133 8.26 -8.54 -9.49
N LEU A 134 8.06 -9.37 -10.50
CA LEU A 134 8.20 -8.91 -11.90
C LEU A 134 7.27 -7.74 -12.22
N GLN A 135 6.02 -7.80 -11.76
CA GLN A 135 5.07 -6.72 -11.94
C GLN A 135 5.56 -5.46 -11.23
N THR A 136 6.00 -5.63 -9.98
CA THR A 136 6.49 -4.51 -9.17
C THR A 136 7.69 -3.85 -9.83
N LEU A 137 8.61 -4.67 -10.32
CA LEU A 137 9.80 -4.19 -11.02
C LEU A 137 9.54 -3.59 -12.41
N GLY A 138 8.30 -3.66 -12.90
CA GLY A 138 8.00 -3.20 -14.24
C GLY A 138 8.63 -4.05 -15.34
N PHE A 139 8.99 -5.29 -14.98
CA PHE A 139 9.70 -6.19 -15.89
C PHE A 139 11.09 -5.65 -16.29
N GLU A 140 11.59 -4.68 -15.53
CA GLU A 140 12.92 -4.11 -15.79
C GLU A 140 13.92 -4.97 -15.03
N ILE A 141 14.27 -6.09 -15.67
CA ILE A 141 15.11 -7.11 -15.04
C ILE A 141 16.61 -6.89 -15.26
N THR A 142 16.93 -6.07 -16.26
CA THR A 142 18.32 -5.72 -16.59
C THR A 142 18.86 -4.68 -15.62
N ILE A 143 19.85 -5.08 -14.81
CA ILE A 143 20.47 -4.20 -13.81
C ILE A 143 21.96 -3.94 -14.10
N GLU A 144 22.35 -2.67 -14.07
CA GLU A 144 23.75 -2.23 -14.18
C GLU A 144 24.32 -2.00 -12.78
N HIS A 145 25.52 -2.53 -12.49
CA HIS A 145 26.15 -2.43 -11.16
C HIS A 145 27.45 -1.63 -11.23
N PRO A 146 27.84 -1.01 -10.11
CA PRO A 146 29.09 -0.23 -10.10
C PRO A 146 30.33 -1.07 -10.41
N HIS A 147 30.28 -2.35 -10.08
CA HIS A 147 31.45 -3.25 -10.18
C HIS A 147 32.11 -3.23 -11.57
N THR A 148 31.30 -3.25 -12.62
CA THR A 148 31.88 -3.27 -13.96
C THR A 148 32.65 -1.99 -14.26
N ASP A 149 32.14 -0.84 -13.80
CA ASP A 149 32.84 0.44 -13.90
C ASP A 149 34.09 0.50 -12.99
N VAL A 150 33.99 -0.10 -11.82
CA VAL A 150 35.12 -0.17 -10.90
C VAL A 150 36.30 -0.91 -11.51
N VAL A 151 36.05 -2.11 -12.01
CA VAL A 151 37.10 -2.93 -12.61
C VAL A 151 37.74 -2.25 -13.82
N LYS A 152 36.91 -1.70 -14.70
CA LYS A 152 37.39 -0.94 -15.85
C LYS A 152 38.35 0.19 -15.45
N CYS A 153 37.95 0.96 -14.46
CA CYS A 153 38.76 2.09 -14.00
C CYS A 153 40.05 1.62 -13.31
N THR A 154 39.95 0.66 -12.39
CA THR A 154 41.14 0.20 -11.64
C THR A 154 42.19 -0.41 -12.55
N GLN A 155 41.77 -1.12 -13.59
CA GLN A 155 42.70 -1.62 -14.60
C GLN A 155 43.39 -0.50 -15.39
N LEU A 156 42.62 0.50 -15.82
CA LEU A 156 43.17 1.63 -16.58
C LEU A 156 44.11 2.56 -15.79
N VAL A 157 43.83 2.78 -14.50
CA VAL A 157 44.72 3.58 -13.65
C VAL A 157 45.89 2.77 -13.05
N ARG A 158 46.05 1.52 -13.45
CA ARG A 158 47.14 0.66 -12.98
C ARG A 158 47.14 0.52 -11.46
N ALA A 159 45.95 0.27 -10.92
CA ALA A 159 45.79 0.05 -9.50
C ALA A 159 46.57 -1.19 -9.09
N SER A 160 47.12 -1.17 -7.89
CA SER A 160 47.67 -2.35 -7.29
C SER A 160 46.53 -3.35 -7.10
N LYS A 161 46.89 -4.61 -6.90
CA LYS A 161 45.87 -5.63 -6.68
C LYS A 161 45.08 -5.32 -5.40
N ASP A 162 45.77 -4.81 -4.37
CA ASP A 162 45.10 -4.41 -3.12
CA ASP A 162 45.13 -4.38 -3.12
C ASP A 162 44.11 -3.28 -3.37
N LEU A 163 44.49 -2.27 -4.16
CA LEU A 163 43.58 -1.16 -4.44
C LEU A 163 42.37 -1.65 -5.27
N ALA A 164 42.64 -2.51 -6.26
CA ALA A 164 41.55 -3.03 -7.08
C ALA A 164 40.55 -3.83 -6.25
N GLN A 165 41.08 -4.69 -5.37
CA GLN A 165 40.27 -5.54 -4.49
C GLN A 165 39.49 -4.71 -3.49
N THR A 166 40.14 -3.70 -2.94
CA THR A 166 39.49 -2.83 -1.97
C THR A 166 38.31 -2.08 -2.61
N SER A 167 38.51 -1.61 -3.83
CA SER A 167 37.48 -0.86 -4.58
C SER A 167 36.29 -1.76 -4.88
N TYR A 168 36.56 -2.99 -5.33
CA TYR A 168 35.49 -3.94 -5.62
C TYR A 168 34.72 -4.31 -4.34
N PHE A 169 35.45 -4.56 -3.26
CA PHE A 169 34.87 -4.90 -1.95
C PHE A 169 33.92 -3.80 -1.46
N MET A 170 34.33 -2.55 -1.62
CA MET A 170 33.52 -1.44 -1.17
C MET A 170 32.27 -1.32 -2.04
N ALA A 171 32.38 -1.67 -3.33
CA ALA A 171 31.20 -1.71 -4.21
C ALA A 171 30.17 -2.75 -3.72
N THR A 172 30.64 -3.93 -3.38
CA THR A 172 29.76 -4.97 -2.85
C THR A 172 29.13 -4.49 -1.52
N ASN A 173 29.97 -3.98 -0.63
CA ASN A 173 29.51 -3.39 0.61
C ASN A 173 28.47 -2.27 0.42
N SER A 174 28.60 -1.48 -0.65
CA SER A 174 27.63 -0.41 -0.92
C SER A 174 26.25 -1.01 -1.17
N LEU A 175 26.21 -2.15 -1.85
CA LEU A 175 24.94 -2.82 -2.18
C LEU A 175 24.32 -3.44 -0.94
N HIS A 176 25.14 -4.11 -0.13
CA HIS A 176 24.69 -4.73 1.11
C HIS A 176 24.17 -3.76 2.15
N LEU A 177 24.88 -2.64 2.30
CA LEU A 177 24.76 -1.80 3.49
C LEU A 177 24.12 -0.43 3.30
N THR A 178 23.98 0.01 2.04
CA THR A 178 23.36 1.31 1.76
C THR A 178 22.22 1.16 0.76
N THR A 179 21.47 2.24 0.56
CA THR A 179 20.49 2.31 -0.54
C THR A 179 21.03 3.17 -1.71
N PHE A 180 22.34 3.26 -1.86
CA PHE A 180 22.90 4.03 -2.97
C PHE A 180 22.39 3.58 -4.36
N CYS A 181 22.09 2.28 -4.52
CA CYS A 181 21.62 1.74 -5.81
C CYS A 181 20.26 2.30 -6.24
N LEU A 182 19.52 2.87 -5.28
CA LEU A 182 18.22 3.54 -5.47
C LEU A 182 18.31 5.07 -5.63
N GLN A 183 19.53 5.62 -5.53
CA GLN A 183 19.74 7.05 -5.44
C GLN A 183 20.70 7.57 -6.52
N TYR A 184 21.75 6.80 -6.81
CA TYR A 184 22.80 7.23 -7.74
C TYR A 184 23.07 6.23 -8.86
N LYS A 185 23.53 6.73 -10.00
CA LYS A 185 23.92 5.87 -11.12
C LYS A 185 25.14 5.03 -10.71
N PRO A 186 25.26 3.83 -11.28
CA PRO A 186 26.35 2.90 -10.97
C PRO A 186 27.72 3.52 -11.18
N THR A 187 27.83 4.40 -12.18
CA THR A 187 29.10 5.08 -12.43
C THR A 187 29.51 6.02 -11.27
N VAL A 188 28.53 6.68 -10.65
CA VAL A 188 28.79 7.53 -9.49
C VAL A 188 29.29 6.68 -8.33
N ILE A 189 28.56 5.62 -8.04
CA ILE A 189 28.92 4.75 -6.93
C ILE A 189 30.29 4.10 -7.17
N ALA A 190 30.58 3.71 -8.41
CA ALA A 190 31.92 3.22 -8.73
C ALA A 190 33.00 4.23 -8.30
N CYS A 191 32.80 5.51 -8.59
CA CYS A 191 33.77 6.53 -8.20
C CYS A 191 33.88 6.66 -6.69
N VAL A 192 32.74 6.63 -5.99
CA VAL A 192 32.73 6.70 -4.52
C VAL A 192 33.60 5.57 -3.94
N CYS A 193 33.44 4.37 -4.50
CA CYS A 193 34.15 3.20 -3.98
C CYS A 193 35.66 3.28 -4.20
N ILE A 194 36.04 3.68 -5.40
CA ILE A 194 37.45 3.89 -5.74
C ILE A 194 38.07 5.01 -4.90
N HIS A 195 37.34 6.13 -4.76
CA HIS A 195 37.78 7.27 -3.93
C HIS A 195 38.08 6.85 -2.48
N LEU A 196 37.13 6.14 -1.87
CA LEU A 196 37.28 5.61 -0.52
C LEU A 196 38.51 4.70 -0.42
N ALA A 197 38.66 3.81 -1.37
CA ALA A 197 39.78 2.87 -1.41
C ALA A 197 41.14 3.58 -1.53
N CYS A 198 41.20 4.60 -2.40
CA CYS A 198 42.38 5.44 -2.53
C CYS A 198 42.73 6.16 -1.24
N LYS A 199 41.72 6.75 -0.60
CA LYS A 199 41.95 7.45 0.67
C LYS A 199 42.49 6.49 1.73
N TRP A 200 41.91 5.29 1.79
CA TRP A 200 42.31 4.27 2.75
C TRP A 200 43.77 3.82 2.55
N SER A 201 44.19 3.71 1.30
CA SER A 201 45.56 3.28 0.99
C SER A 201 46.54 4.44 0.80
N ASN A 202 46.08 5.69 0.99
CA ASN A 202 46.91 6.88 0.69
C ASN A 202 47.50 6.79 -0.74
N TRP A 203 46.65 6.40 -1.68
CA TRP A 203 47.00 6.21 -3.09
C TRP A 203 46.43 7.41 -3.85
N GLU A 204 47.25 8.01 -4.72
CA GLU A 204 46.83 9.16 -5.51
C GLU A 204 46.86 8.77 -7.00
N ILE A 205 45.73 8.94 -7.69
CA ILE A 205 45.68 8.66 -9.13
C ILE A 205 45.97 9.97 -9.84
N PRO A 206 47.04 10.02 -10.64
CA PRO A 206 47.41 11.26 -11.34
C PRO A 206 46.31 11.84 -12.22
N VAL A 207 46.35 13.15 -12.39
CA VAL A 207 45.52 13.82 -13.41
C VAL A 207 46.15 13.54 -14.78
N SER A 208 45.36 13.70 -15.81
CA SER A 208 45.79 13.46 -17.18
C SER A 208 46.52 14.69 -17.76
N THR A 209 46.99 14.58 -18.99
CA THR A 209 47.69 15.68 -19.66
C THR A 209 46.82 16.92 -19.89
N ASP A 210 45.50 16.74 -19.87
CA ASP A 210 44.53 17.86 -19.97
C ASP A 210 43.93 18.23 -18.60
N GLY A 211 44.52 17.69 -17.53
CA GLY A 211 44.14 18.03 -16.16
C GLY A 211 42.94 17.33 -15.59
N LYS A 212 42.28 16.47 -16.38
CA LYS A 212 41.13 15.74 -15.91
C LYS A 212 41.47 14.81 -14.75
N HIS A 213 40.64 14.83 -13.71
CA HIS A 213 40.74 13.90 -12.59
C HIS A 213 40.16 12.55 -13.01
N TRP A 214 40.65 11.48 -12.39
CA TRP A 214 40.35 10.11 -12.84
C TRP A 214 38.83 9.90 -12.94
N TRP A 215 38.07 10.47 -12.00
CA TRP A 215 36.61 10.21 -11.95
C TRP A 215 35.86 10.74 -13.16
N GLU A 216 36.44 11.75 -13.80
CA GLU A 216 35.85 12.38 -14.99
C GLU A 216 35.84 11.44 -16.19
N TYR A 217 36.65 10.39 -16.16
CA TYR A 217 36.62 9.37 -17.19
C TYR A 217 35.53 8.31 -16.95
N VAL A 218 35.01 8.26 -15.73
CA VAL A 218 34.03 7.24 -15.33
C VAL A 218 32.60 7.78 -15.32
N ASP A 219 32.42 9.00 -14.80
CA ASP A 219 31.14 9.68 -14.78
C ASP A 219 31.33 11.17 -15.03
N PRO A 220 30.62 11.74 -16.00
CA PRO A 220 30.85 13.14 -16.40
C PRO A 220 30.22 14.20 -15.48
N THR A 221 29.42 13.77 -14.51
CA THR A 221 28.74 14.68 -13.59
C THR A 221 29.41 14.71 -12.21
N VAL A 222 30.14 13.65 -11.87
CA VAL A 222 30.78 13.51 -10.55
C VAL A 222 31.73 14.67 -10.24
N THR A 223 31.65 15.17 -9.00
CA THR A 223 32.62 16.13 -8.48
C THR A 223 33.34 15.57 -7.25
N LEU A 224 34.49 16.15 -6.92
CA LEU A 224 35.22 15.78 -5.70
C LEU A 224 34.34 16.02 -4.47
N GLU A 225 33.59 17.11 -4.49
CA GLU A 225 32.70 17.47 -3.40
C GLU A 225 31.65 16.36 -3.20
N LEU A 226 31.08 15.85 -4.29
CA LEU A 226 30.12 14.75 -4.20
C LEU A 226 30.79 13.47 -3.67
N LEU A 227 31.99 13.17 -4.15
CA LEU A 227 32.75 11.96 -3.71
C LEU A 227 33.04 12.02 -2.20
N ASP A 228 33.45 13.19 -1.73
CA ASP A 228 33.74 13.36 -0.29
C ASP A 228 32.46 13.21 0.55
N GLU A 229 31.39 13.88 0.11
CA GLU A 229 30.08 13.75 0.75
C GLU A 229 29.61 12.29 0.87
N LEU A 230 29.63 11.58 -0.26
CA LEU A 230 29.10 10.21 -0.31
C LEU A 230 30.03 9.22 0.40
N THR A 231 31.33 9.42 0.30
CA THR A 231 32.30 8.64 1.09
C THR A 231 32.03 8.80 2.59
N HIS A 232 31.80 10.03 3.05
CA HIS A 232 31.53 10.30 4.47
C HIS A 232 30.23 9.62 4.91
N GLU A 233 29.20 9.72 4.08
CA GLU A 233 27.93 9.07 4.36
C GLU A 233 28.09 7.56 4.46
N PHE A 234 28.84 6.98 3.53
CA PHE A 234 29.08 5.54 3.46
C PHE A 234 29.74 5.11 4.79
N LEU A 235 30.78 5.84 5.18
CA LEU A 235 31.48 5.56 6.43
C LEU A 235 30.58 5.66 7.67
N GLN A 236 29.70 6.66 7.71
CA GLN A 236 28.73 6.80 8.78
C GLN A 236 27.81 5.57 8.89
N ILE A 237 27.32 5.12 7.74
CA ILE A 237 26.48 3.93 7.66
C ILE A 237 27.23 2.70 8.21
N LEU A 238 28.50 2.55 7.81
CA LEU A 238 29.35 1.44 8.26
C LEU A 238 29.52 1.43 9.78
N GLU A 239 29.75 2.62 10.34
CA GLU A 239 29.90 2.80 11.78
C GLU A 239 28.66 2.37 12.56
N LYS A 240 27.48 2.61 11.97
CA LYS A 240 26.22 2.27 12.63
C LYS A 240 25.79 0.81 12.35
N THR A 241 26.60 0.08 11.57
CA THR A 241 26.45 -1.36 11.38
C THR A 241 27.63 -2.07 12.07
N PRO A 242 27.70 -2.03 13.40
CA PRO A 242 28.97 -2.43 14.06
C PRO A 242 29.57 -3.82 13.76
N ASN A 243 28.79 -4.89 13.61
CA ASN A 243 29.42 -6.19 13.31
C ASN A 243 30.01 -6.23 11.87
N ARG A 244 29.29 -5.69 10.89
CA ARG A 244 29.87 -5.54 9.54
C ARG A 244 31.15 -4.66 9.52
N LEU A 245 31.19 -3.63 10.35
CA LEU A 245 32.41 -2.81 10.50
C LEU A 245 33.61 -3.59 11.03
N LYS A 246 33.37 -4.44 12.01
CA LYS A 246 34.41 -5.32 12.56
C LYS A 246 34.93 -6.28 11.48
N LYS A 247 33.99 -6.77 10.66
CA LYS A 247 34.30 -7.70 9.56
C LYS A 247 35.21 -7.04 8.52
N ILE A 248 34.91 -5.79 8.19
CA ILE A 248 35.71 -5.02 7.23
C ILE A 248 37.11 -4.75 7.79
N ARG A 249 37.20 -4.43 9.09
CA ARG A 249 38.50 -4.22 9.67
C ARG A 249 39.32 -5.51 9.71
N ASN A 250 38.67 -6.63 10.01
CA ASN A 250 39.33 -7.94 10.02
C ASN A 250 39.80 -8.31 8.60
N TRP A 251 38.95 -7.98 7.61
CA TRP A 251 39.29 -8.18 6.20
C TRP A 251 40.56 -7.40 5.77
N ARG A 252 40.66 -6.11 6.12
CA ARG A 252 41.85 -5.30 5.73
C ARG A 252 43.08 -5.75 6.51
N ALA A 253 42.89 -6.05 7.79
CA ALA A 253 43.95 -6.60 8.61
C ALA A 253 44.54 -7.85 7.93
N ASN A 254 43.66 -8.72 7.43
CA ASN A 254 44.07 -9.93 6.73
C ASN A 254 44.78 -9.60 5.42
N GLN A 255 44.25 -8.62 4.67
CA GLN A 255 44.86 -8.18 3.43
CA GLN A 255 44.87 -8.19 3.41
C GLN A 255 46.27 -7.62 3.69
N ALA A 256 46.36 -6.74 4.69
CA ALA A 256 47.63 -6.13 5.10
C ALA A 256 48.67 -7.18 5.51
N SER B 3 -14.08 16.91 10.01
CA SER B 3 -13.58 18.31 9.75
C SER B 3 -12.42 18.25 8.76
N ARG B 4 -11.40 17.47 9.13
CA ARG B 4 -10.50 16.91 8.13
C ARG B 4 -11.26 15.88 7.29
N TRP B 5 -12.52 15.60 7.65
CA TRP B 5 -13.32 14.57 6.97
C TRP B 5 -14.34 15.14 5.98
N PHE B 6 -14.22 16.43 5.68
CA PHE B 6 -14.94 17.02 4.55
C PHE B 6 -13.93 17.49 3.52
N PHE B 7 -14.13 17.07 2.28
CA PHE B 7 -13.13 17.20 1.23
C PHE B 7 -13.65 18.09 0.11
N THR B 8 -12.72 18.73 -0.61
CA THR B 8 -13.04 19.58 -1.75
C THR B 8 -13.25 18.72 -3.00
N ARG B 9 -13.78 19.35 -4.04
CA ARG B 9 -13.90 18.71 -5.35
C ARG B 9 -12.54 18.18 -5.83
N GLU B 10 -11.50 19.00 -5.67
CA GLU B 10 -10.14 18.61 -6.05
C GLU B 10 -9.65 17.35 -5.30
N GLN B 11 -9.91 17.29 -4.00
CA GLN B 11 -9.51 16.12 -3.18
C GLN B 11 -10.29 14.87 -3.56
N LEU B 12 -11.56 15.05 -3.95
CA LEU B 12 -12.40 13.92 -4.33
C LEU B 12 -12.04 13.36 -5.70
N GLU B 13 -11.43 14.19 -6.56
CA GLU B 13 -10.92 13.73 -7.84
C GLU B 13 -9.54 13.09 -7.66
N ASN B 14 -8.63 13.81 -7.02
CA ASN B 14 -7.25 13.35 -6.83
C ASN B 14 -7.12 12.41 -5.62
N THR B 15 -7.73 11.24 -5.72
CA THR B 15 -7.75 10.28 -4.61
C THR B 15 -6.56 9.33 -4.69
N PRO B 16 -6.28 8.59 -3.58
CA PRO B 16 -5.26 7.56 -3.64
C PRO B 16 -5.50 6.54 -4.77
N SER B 17 -6.76 6.16 -4.98
CA SER B 17 -7.12 5.26 -6.08
C SER B 17 -6.84 5.89 -7.45
N ARG B 18 -7.17 7.17 -7.63
CA ARG B 18 -6.86 7.84 -8.90
C ARG B 18 -5.36 7.75 -9.21
N ARG B 19 -4.54 7.96 -8.18
CA ARG B 19 -3.09 7.92 -8.33
C ARG B 19 -2.53 6.52 -8.59
N CYS B 20 -3.35 5.49 -8.41
CA CYS B 20 -3.02 4.12 -8.81
C CYS B 20 -3.70 3.71 -10.12
N GLY B 21 -4.27 4.69 -10.83
CA GLY B 21 -4.82 4.45 -12.17
C GLY B 21 -6.29 4.09 -12.27
N VAL B 22 -7.00 4.09 -11.14
CA VAL B 22 -8.43 3.79 -11.11
C VAL B 22 -9.20 5.01 -11.61
N GLU B 23 -10.01 4.82 -12.65
CA GLU B 23 -10.82 5.90 -13.21
C GLU B 23 -11.83 6.38 -12.17
N ALA B 24 -12.31 7.61 -12.31
CA ALA B 24 -13.24 8.19 -11.33
C ALA B 24 -14.55 7.41 -11.25
N ASP B 25 -15.13 7.07 -12.40
CA ASP B 25 -16.39 6.32 -12.41
C ASP B 25 -16.21 4.91 -11.85
N LYS B 26 -15.03 4.33 -12.06
CA LYS B 26 -14.72 3.02 -11.51
C LYS B 26 -14.58 3.07 -9.99
N GLU B 27 -13.93 4.12 -9.48
CA GLU B 27 -13.82 4.29 -8.01
C GLU B 27 -15.22 4.43 -7.37
N LEU B 28 -16.09 5.20 -8.02
CA LEU B 28 -17.45 5.35 -7.51
C LEU B 28 -18.16 4.01 -7.48
N SER B 29 -18.05 3.23 -8.55
CA SER B 29 -18.63 1.88 -8.61
C SER B 29 -18.12 1.00 -7.46
N CYS B 30 -16.81 1.06 -7.19
CA CYS B 30 -16.21 0.32 -6.09
C CYS B 30 -16.84 0.68 -4.74
N ARG B 31 -16.97 1.98 -4.48
CA ARG B 31 -17.62 2.48 -3.28
C ARG B 31 -19.07 1.97 -3.17
N GLN B 32 -19.80 2.03 -4.28
CA GLN B 32 -21.20 1.57 -4.31
C GLN B 32 -21.30 0.06 -4.04
N GLN B 33 -20.40 -0.70 -4.63
CA GLN B 33 -20.37 -2.14 -4.44
C GLN B 33 -20.09 -2.51 -3.00
N ALA B 34 -19.16 -1.78 -2.37
CA ALA B 34 -18.78 -1.95 -0.97
C ALA B 34 -19.95 -1.64 -0.06
N ALA B 35 -20.61 -0.51 -0.33
CA ALA B 35 -21.77 -0.12 0.46
C ALA B 35 -22.85 -1.18 0.34
N ASN B 36 -23.08 -1.68 -0.88
CA ASN B 36 -24.07 -2.73 -1.08
C ASN B 36 -23.72 -3.98 -0.27
N LEU B 37 -22.43 -4.33 -0.23
CA LEU B 37 -21.96 -5.52 0.50
C LEU B 37 -22.18 -5.33 2.01
N ILE B 38 -21.79 -4.16 2.52
CA ILE B 38 -21.93 -3.80 3.93
C ILE B 38 -23.42 -3.87 4.32
N GLN B 39 -24.30 -3.37 3.47
CA GLN B 39 -25.74 -3.45 3.70
C GLN B 39 -26.23 -4.90 3.79
N GLU B 40 -25.85 -5.72 2.82
CA GLU B 40 -26.29 -7.12 2.83
C GLU B 40 -25.76 -7.89 4.07
N MET B 41 -24.46 -7.70 4.35
CA MET B 41 -23.81 -8.31 5.52
C MET B 41 -24.46 -7.89 6.82
N GLY B 42 -24.67 -6.57 6.99
CA GLY B 42 -25.32 -6.04 8.18
C GLY B 42 -26.70 -6.59 8.44
N GLN B 43 -27.52 -6.67 7.39
CA GLN B 43 -28.83 -7.33 7.47
C GLN B 43 -28.72 -8.78 8.01
N ARG B 44 -27.82 -9.55 7.41
CA ARG B 44 -27.59 -10.94 7.86
C ARG B 44 -27.09 -11.02 9.32
N LEU B 45 -26.31 -10.03 9.74
CA LEU B 45 -25.76 -9.97 11.11
C LEU B 45 -26.79 -9.37 12.10
N ASN B 46 -27.93 -8.90 11.59
CA ASN B 46 -28.99 -8.34 12.42
C ASN B 46 -28.53 -7.10 13.19
N VAL B 47 -27.70 -6.28 12.56
CA VAL B 47 -27.30 -5.01 13.17
C VAL B 47 -28.24 -3.92 12.70
N SER B 48 -28.29 -2.81 13.45
CA SER B 48 -29.19 -1.70 13.12
C SER B 48 -28.81 -1.02 11.80
N GLN B 49 -29.77 -0.37 11.16
CA GLN B 49 -29.40 0.44 10.00
C GLN B 49 -28.36 1.51 10.34
N LEU B 50 -28.45 2.09 11.54
CA LEU B 50 -27.42 3.02 12.05
C LEU B 50 -26.02 2.44 11.95
N THR B 51 -25.84 1.21 12.45
CA THR B 51 -24.55 0.52 12.41
C THR B 51 -24.04 0.33 10.97
N ILE B 52 -24.94 -0.07 10.10
CA ILE B 52 -24.62 -0.21 8.69
C ILE B 52 -24.19 1.14 8.09
N ASN B 53 -24.94 2.19 8.40
CA ASN B 53 -24.58 3.55 7.89
C ASN B 53 -23.16 3.92 8.36
N THR B 54 -22.89 3.70 9.64
CA THR B 54 -21.59 4.00 10.22
C THR B 54 -20.46 3.29 9.46
N ALA B 55 -20.65 1.98 9.26
CA ALA B 55 -19.71 1.17 8.50
C ALA B 55 -19.48 1.70 7.08
N ILE B 56 -20.55 2.12 6.41
CA ILE B 56 -20.41 2.68 5.08
C ILE B 56 -19.53 3.96 5.12
N VAL B 57 -19.75 4.82 6.11
CA VAL B 57 -18.96 6.05 6.23
C VAL B 57 -17.49 5.72 6.55
N TYR B 58 -17.23 4.75 7.44
CA TYR B 58 -15.85 4.27 7.65
C TYR B 58 -15.20 3.86 6.31
N MET B 59 -15.96 3.14 5.48
CA MET B 59 -15.45 2.67 4.19
C MET B 59 -15.07 3.87 3.32
N HIS B 60 -15.99 4.82 3.21
CA HIS B 60 -15.78 6.01 2.39
C HIS B 60 -14.54 6.75 2.85
N ARG B 61 -14.42 6.94 4.16
CA ARG B 61 -13.27 7.66 4.72
C ARG B 61 -11.93 6.93 4.56
N PHE B 62 -11.94 5.62 4.81
CA PHE B 62 -10.77 4.78 4.61
C PHE B 62 -10.18 4.99 3.20
N TYR B 63 -11.05 5.05 2.20
CA TYR B 63 -10.59 5.14 0.81
C TYR B 63 -10.27 6.58 0.33
N MET B 64 -10.34 7.54 1.25
CA MET B 64 -9.74 8.86 1.00
C MET B 64 -8.24 8.83 1.34
N HIS B 65 -7.78 7.71 1.90
CA HIS B 65 -6.41 7.57 2.39
C HIS B 65 -5.66 6.34 1.85
N HIS B 66 -6.39 5.45 1.19
CA HIS B 66 -5.89 4.18 0.70
C HIS B 66 -6.57 3.84 -0.62
N SER B 67 -5.89 3.06 -1.46
CA SER B 67 -6.37 2.73 -2.81
C SER B 67 -7.17 1.42 -2.86
N PHE B 68 -8.25 1.43 -3.63
CA PHE B 68 -8.96 0.19 -4.00
C PHE B 68 -8.07 -0.87 -4.65
N THR B 69 -6.96 -0.46 -5.26
CA THR B 69 -5.99 -1.40 -5.86
C THR B 69 -5.12 -2.10 -4.81
N LYS B 70 -5.02 -1.52 -3.60
CA LYS B 70 -4.17 -2.05 -2.52
C LYS B 70 -4.98 -2.77 -1.43
N PHE B 71 -6.20 -2.29 -1.19
CA PHE B 71 -7.05 -2.88 -0.17
C PHE B 71 -8.35 -3.27 -0.82
N ASN B 72 -8.62 -4.56 -0.84
CA ASN B 72 -9.82 -5.09 -1.48
C ASN B 72 -11.09 -4.62 -0.76
N LYS B 73 -12.01 -4.04 -1.53
CA LYS B 73 -13.27 -3.56 -1.00
C LYS B 73 -14.06 -4.60 -0.19
N ASN B 74 -13.95 -5.86 -0.55
CA ASN B 74 -14.66 -6.92 0.17
C ASN B 74 -14.14 -7.08 1.60
N ILE B 75 -12.84 -6.97 1.74
CA ILE B 75 -12.21 -7.19 3.03
C ILE B 75 -12.36 -5.93 3.90
N ILE B 76 -12.25 -4.75 3.27
CA ILE B 76 -12.54 -3.48 3.99
C ILE B 76 -14.01 -3.37 4.44
N SER B 77 -14.93 -3.85 3.59
CA SER B 77 -16.35 -3.94 3.97
C SER B 77 -16.52 -4.73 5.27
N SER B 78 -15.90 -5.89 5.36
CA SER B 78 -15.93 -6.72 6.60
C SER B 78 -15.31 -5.98 7.79
N THR B 79 -14.18 -5.34 7.54
CA THR B 79 -13.46 -4.61 8.59
C THR B 79 -14.35 -3.49 9.12
N ALA B 80 -14.92 -2.70 8.20
CA ALA B 80 -15.74 -1.53 8.56
C ALA B 80 -16.94 -1.96 9.42
N LEU B 81 -17.58 -3.07 9.03
CA LEU B 81 -18.76 -3.56 9.73
C LEU B 81 -18.42 -4.17 11.09
N PHE B 82 -17.36 -4.97 11.15
CA PHE B 82 -16.82 -5.49 12.42
C PHE B 82 -16.58 -4.34 13.43
N LEU B 83 -15.87 -3.31 12.99
CA LEU B 83 -15.60 -2.15 13.82
C LEU B 83 -16.88 -1.38 14.21
N ALA B 84 -17.70 -1.04 13.22
CA ALA B 84 -18.94 -0.27 13.45
C ALA B 84 -19.85 -0.97 14.48
N ALA B 85 -19.98 -2.28 14.35
CA ALA B 85 -20.84 -3.04 15.26
C ALA B 85 -20.34 -2.94 16.71
N LYS B 86 -19.01 -2.93 16.90
CA LYS B 86 -18.44 -2.74 18.23
C LYS B 86 -18.66 -1.31 18.72
N VAL B 87 -18.39 -0.33 17.84
CA VAL B 87 -18.54 1.09 18.20
C VAL B 87 -19.98 1.42 18.61
N GLU B 88 -20.95 0.93 17.84
CA GLU B 88 -22.38 1.14 18.14
C GLU B 88 -22.96 0.16 19.19
N GLU B 89 -22.10 -0.52 19.93
CA GLU B 89 -22.47 -1.35 21.09
C GLU B 89 -23.45 -2.49 20.73
N GLN B 90 -23.22 -3.09 19.57
CA GLN B 90 -23.84 -4.36 19.19
C GLN B 90 -22.81 -5.25 18.49
N ALA B 91 -21.76 -5.57 19.26
CA ALA B 91 -20.63 -6.30 18.73
C ALA B 91 -21.04 -7.65 18.16
N ARG B 92 -20.37 -8.01 17.09
CA ARG B 92 -20.53 -9.31 16.44
C ARG B 92 -19.17 -9.99 16.45
N LYS B 93 -19.17 -11.32 16.56
CA LYS B 93 -17.93 -12.07 16.60
C LYS B 93 -17.26 -12.00 15.23
N LEU B 94 -15.93 -11.96 15.24
CA LEU B 94 -15.16 -11.94 13.98
C LEU B 94 -15.52 -13.14 13.09
N GLU B 95 -15.69 -14.32 13.69
CA GLU B 95 -16.11 -15.51 12.92
C GLU B 95 -17.47 -15.29 12.23
N HIS B 96 -18.40 -14.64 12.95
CA HIS B 96 -19.74 -14.37 12.41
C HIS B 96 -19.63 -13.43 11.20
N VAL B 97 -18.82 -12.39 11.33
CA VAL B 97 -18.61 -11.45 10.24
C VAL B 97 -17.99 -12.14 9.01
N ILE B 98 -16.94 -12.92 9.25
CA ILE B 98 -16.23 -13.62 8.18
C ILE B 98 -17.18 -14.57 7.44
N LYS B 99 -18.00 -15.29 8.20
CA LYS B 99 -18.92 -16.25 7.61
C LYS B 99 -20.06 -15.56 6.84
N VAL B 100 -20.57 -14.46 7.37
CA VAL B 100 -21.57 -13.65 6.65
C VAL B 100 -20.99 -13.06 5.35
N ALA B 101 -19.75 -12.58 5.37
CA ALA B 101 -19.12 -12.08 4.13
C ALA B 101 -19.04 -13.20 3.08
N HIS B 102 -18.63 -14.39 3.54
CA HIS B 102 -18.54 -15.59 2.70
C HIS B 102 -19.89 -15.97 2.08
N ALA B 103 -20.94 -15.92 2.89
CA ALA B 103 -22.33 -16.17 2.43
C ALA B 103 -22.80 -15.19 1.33
N CYS B 104 -22.41 -13.92 1.47
CA CYS B 104 -22.79 -12.86 0.54
C CYS B 104 -22.00 -12.95 -0.76
N LEU B 105 -20.70 -13.26 -0.64
CA LEU B 105 -19.78 -13.22 -1.80
C LEU B 105 -19.64 -14.57 -2.51
N HIS B 106 -19.64 -15.63 -1.71
CA HIS B 106 -19.35 -16.99 -2.19
C HIS B 106 -20.43 -18.00 -1.76
N PRO B 107 -21.70 -17.71 -2.08
CA PRO B 107 -22.80 -18.59 -1.68
C PRO B 107 -22.63 -20.03 -2.15
N LEU B 108 -22.00 -20.24 -3.31
CA LEU B 108 -21.87 -21.59 -3.88
C LEU B 108 -20.54 -22.31 -3.57
N GLU B 109 -19.68 -21.68 -2.78
CA GLU B 109 -18.49 -22.36 -2.22
C GLU B 109 -18.86 -23.15 -0.96
N PRO B 110 -18.01 -24.11 -0.55
CA PRO B 110 -18.38 -24.84 0.65
C PRO B 110 -18.29 -23.91 1.85
N LEU B 111 -18.91 -24.30 2.95
CA LEU B 111 -18.86 -23.51 4.17
C LEU B 111 -17.42 -23.48 4.67
N LEU B 112 -17.05 -22.41 5.39
CA LEU B 112 -15.68 -22.21 5.85
C LEU B 112 -15.27 -23.25 6.91
N ASP B 113 -14.03 -23.73 6.80
CA ASP B 113 -13.42 -24.61 7.80
C ASP B 113 -12.65 -23.67 8.73
N THR B 114 -13.16 -23.46 9.94
CA THR B 114 -12.58 -22.48 10.86
C THR B 114 -11.22 -22.91 11.45
N LYS B 115 -10.84 -24.17 11.21
CA LYS B 115 -9.56 -24.71 11.69
C LYS B 115 -8.45 -24.68 10.64
N CYS B 116 -8.77 -24.32 9.41
CA CYS B 116 -7.78 -24.34 8.32
C CYS B 116 -6.96 -23.04 8.26
N ASP B 117 -5.76 -23.13 7.72
CA ASP B 117 -4.81 -22.01 7.69
C ASP B 117 -5.33 -20.78 6.94
N ALA B 118 -6.06 -21.00 5.85
CA ALA B 118 -6.61 -19.89 5.07
C ALA B 118 -7.59 -19.05 5.90
N TYR B 119 -8.45 -19.73 6.67
CA TYR B 119 -9.39 -19.06 7.56
C TYR B 119 -8.67 -18.33 8.69
N LEU B 120 -7.66 -18.96 9.26
CA LEU B 120 -6.89 -18.33 10.34
C LEU B 120 -6.21 -17.06 9.83
N GLN B 121 -5.66 -17.12 8.63
CA GLN B 121 -5.01 -15.96 8.01
C GLN B 121 -5.97 -14.82 7.73
N GLN B 122 -7.23 -15.12 7.39
CA GLN B 122 -8.17 -14.03 7.18
C GLN B 122 -8.62 -13.43 8.53
N THR B 123 -8.65 -14.23 9.60
CA THR B 123 -8.87 -13.67 10.94
C THR B 123 -7.72 -12.74 11.37
N ARG B 124 -6.50 -13.15 11.09
CA ARG B 124 -5.31 -12.34 11.42
C ARG B 124 -5.32 -11.03 10.61
N GLU B 125 -5.62 -11.13 9.33
CA GLU B 125 -5.67 -9.94 8.46
C GLU B 125 -6.71 -8.92 8.91
N LEU B 126 -7.90 -9.39 9.21
CA LEU B 126 -8.98 -8.53 9.65
C LEU B 126 -8.64 -7.81 10.95
N VAL B 127 -8.04 -8.50 11.90
CA VAL B 127 -7.59 -7.83 13.13
C VAL B 127 -6.56 -6.73 12.82
N ILE B 128 -5.62 -7.03 11.94
CA ILE B 128 -4.61 -6.04 11.50
C ILE B 128 -5.29 -4.85 10.79
N LEU B 129 -6.23 -5.14 9.88
CA LEU B 129 -6.95 -4.08 9.13
C LEU B 129 -7.82 -3.20 10.02
N GLU B 130 -8.38 -3.79 11.08
CA GLU B 130 -9.19 -3.00 12.02
C GLU B 130 -8.35 -1.89 12.64
N THR B 131 -7.14 -2.22 13.05
CA THR B 131 -6.23 -1.26 13.66
C THR B 131 -5.78 -0.21 12.64
N ILE B 132 -5.47 -0.65 11.42
CA ILE B 132 -5.14 0.27 10.33
C ILE B 132 -6.32 1.23 10.07
N MET B 133 -7.54 0.69 10.02
CA MET B 133 -8.74 1.51 9.84
C MET B 133 -8.91 2.54 10.98
N LEU B 134 -8.78 2.10 12.23
CA LEU B 134 -8.92 3.01 13.37
C LEU B 134 -7.91 4.13 13.30
N GLN B 135 -6.66 3.77 13.02
CA GLN B 135 -5.58 4.72 12.85
C GLN B 135 -5.84 5.71 11.70
N THR B 136 -6.28 5.17 10.57
CA THR B 136 -6.64 5.97 9.40
C THR B 136 -7.76 6.99 9.71
N LEU B 137 -8.75 6.54 10.49
CA LEU B 137 -9.89 7.38 10.89
C LEU B 137 -9.53 8.39 11.99
N GLY B 138 -8.30 8.33 12.49
CA GLY B 138 -7.85 9.19 13.59
C GLY B 138 -8.59 8.90 14.89
N PHE B 139 -9.08 7.66 15.02
CA PHE B 139 -9.94 7.23 16.13
C PHE B 139 -11.21 8.09 16.26
N GLU B 140 -11.64 8.69 15.15
CA GLU B 140 -12.88 9.45 15.14
C GLU B 140 -13.95 8.47 14.71
N ILE B 141 -14.49 7.77 15.70
CA ILE B 141 -15.41 6.63 15.48
C ILE B 141 -16.88 7.02 15.55
N THR B 142 -17.15 8.19 16.12
CA THR B 142 -18.52 8.69 16.26
C THR B 142 -18.95 9.38 14.97
N ILE B 143 -19.95 8.79 14.30
CA ILE B 143 -20.45 9.33 13.03
C ILE B 143 -21.88 9.82 13.17
N GLU B 144 -22.14 11.02 12.66
CA GLU B 144 -23.51 11.57 12.56
C GLU B 144 -24.04 11.34 11.15
N HIS B 145 -25.28 10.88 11.04
CA HIS B 145 -25.88 10.56 9.73
C HIS B 145 -27.08 11.46 9.44
N PRO B 146 -27.39 11.69 8.16
CA PRO B 146 -28.56 12.52 7.83
C PRO B 146 -29.89 11.96 8.38
N HIS B 147 -29.97 10.65 8.54
CA HIS B 147 -31.21 9.96 8.93
C HIS B 147 -31.84 10.53 10.22
N THR B 148 -31.00 10.84 11.20
CA THR B 148 -31.49 11.36 12.46
C THR B 148 -32.16 12.75 12.28
N ASP B 149 -31.55 13.60 11.46
CA ASP B 149 -32.13 14.89 11.08
C ASP B 149 -33.37 14.75 10.19
N VAL B 150 -33.36 13.76 9.30
CA VAL B 150 -34.53 13.46 8.46
C VAL B 150 -35.77 13.09 9.28
N VAL B 151 -35.61 12.16 10.20
CA VAL B 151 -36.75 11.68 11.00
C VAL B 151 -37.29 12.82 11.86
N LYS B 152 -36.38 13.55 12.51
CA LYS B 152 -36.79 14.69 13.32
C LYS B 152 -37.65 15.66 12.51
N CYS B 153 -37.17 16.06 11.34
CA CYS B 153 -37.90 17.02 10.50
C CYS B 153 -39.24 16.48 9.96
N THR B 154 -39.25 15.23 9.49
CA THR B 154 -40.47 14.69 8.87
C THR B 154 -41.58 14.57 9.92
N GLN B 155 -41.21 14.24 11.15
CA GLN B 155 -42.15 14.19 12.26
C GLN B 155 -42.72 15.58 12.55
N LEU B 156 -41.86 16.58 12.61
CA LEU B 156 -42.28 17.94 12.94
C LEU B 156 -43.13 18.62 11.86
N VAL B 157 -42.88 18.28 10.59
CA VAL B 157 -43.70 18.83 9.49
C VAL B 157 -44.94 17.98 9.17
N ARG B 158 -45.24 16.98 10.00
CA ARG B 158 -46.40 16.10 9.80
C ARG B 158 -46.43 15.45 8.43
N ALA B 159 -45.26 14.94 8.02
CA ALA B 159 -45.12 14.20 6.79
C ALA B 159 -46.05 12.99 6.81
N SER B 160 -46.62 12.66 5.66
CA SER B 160 -47.30 11.40 5.48
C SER B 160 -46.30 10.24 5.69
N LYS B 161 -46.84 9.03 5.88
CA LYS B 161 -46.01 7.81 5.97
C LYS B 161 -45.11 7.69 4.74
N ASP B 162 -45.71 7.83 3.56
CA ASP B 162 -44.97 7.75 2.30
C ASP B 162 -43.85 8.79 2.23
N LEU B 163 -44.14 10.04 2.60
CA LEU B 163 -43.13 11.09 2.55
C LEU B 163 -41.96 10.80 3.52
N ALA B 164 -42.28 10.38 4.74
CA ALA B 164 -41.26 10.05 5.76
C ALA B 164 -40.36 8.91 5.28
N GLN B 165 -41.00 7.86 4.75
CA GLN B 165 -40.28 6.67 4.23
C GLN B 165 -39.41 7.03 3.04
N THR B 166 -39.95 7.84 2.13
CA THR B 166 -39.21 8.24 0.97
C THR B 166 -37.96 9.05 1.34
N SER B 167 -38.11 9.95 2.31
CA SER B 167 -36.99 10.81 2.73
C SER B 167 -35.92 9.94 3.35
N TYR B 168 -36.32 9.03 4.22
CA TYR B 168 -35.36 8.13 4.86
C TYR B 168 -34.65 7.21 3.82
N PHE B 169 -35.42 6.65 2.90
CA PHE B 169 -34.92 5.80 1.80
C PHE B 169 -33.84 6.55 0.98
N MET B 170 -34.11 7.81 0.68
CA MET B 170 -33.16 8.61 -0.09
C MET B 170 -31.89 8.87 0.70
N ALA B 171 -32.00 9.09 2.02
CA ALA B 171 -30.84 9.23 2.90
C ALA B 171 -29.95 7.98 2.84
N THR B 172 -30.55 6.80 2.88
CA THR B 172 -29.80 5.56 2.78
C THR B 172 -29.17 5.45 1.39
N ASN B 173 -29.96 5.71 0.34
CA ASN B 173 -29.44 5.73 -1.00
C ASN B 173 -28.27 6.70 -1.18
N SER B 174 -28.30 7.84 -0.47
CA SER B 174 -27.21 8.81 -0.55
C SER B 174 -25.87 8.25 -0.03
N LEU B 175 -25.93 7.46 1.03
CA LEU B 175 -24.73 6.84 1.58
C LEU B 175 -24.18 5.74 0.65
N HIS B 176 -25.10 4.93 0.11
CA HIS B 176 -24.75 3.86 -0.84
C HIS B 176 -24.13 4.33 -2.16
N LEU B 177 -24.71 5.37 -2.72
CA LEU B 177 -24.53 5.75 -4.11
C LEU B 177 -23.74 7.02 -4.37
N THR B 178 -23.58 7.87 -3.35
CA THR B 178 -22.81 9.11 -3.52
C THR B 178 -21.68 9.19 -2.53
N THR B 179 -20.84 10.21 -2.70
CA THR B 179 -19.83 10.57 -1.68
C THR B 179 -20.25 11.85 -0.95
N PHE B 180 -21.56 12.13 -0.89
CA PHE B 180 -22.07 13.30 -0.14
C PHE B 180 -21.59 13.32 1.33
N CYS B 181 -21.43 12.14 1.95
CA CYS B 181 -20.99 12.07 3.35
C CYS B 181 -19.57 12.59 3.57
N LEU B 182 -18.79 12.67 2.48
CA LEU B 182 -17.42 13.25 2.51
C LEU B 182 -17.37 14.73 2.11
N GLN B 183 -18.52 15.28 1.74
CA GLN B 183 -18.62 16.59 1.12
C GLN B 183 -19.46 17.58 1.93
N TYR B 184 -20.57 17.10 2.49
CA TYR B 184 -21.55 17.97 3.15
C TYR B 184 -21.93 17.50 4.54
N LYS B 185 -22.28 18.44 5.43
CA LYS B 185 -22.74 18.05 6.76
C LYS B 185 -24.04 17.24 6.67
N PRO B 186 -24.26 16.33 7.61
CA PRO B 186 -25.47 15.49 7.63
C PRO B 186 -26.80 16.27 7.54
N THR B 187 -26.86 17.44 8.20
CA THR B 187 -28.03 18.31 8.11
C THR B 187 -28.33 18.78 6.69
N VAL B 188 -27.29 19.11 5.92
CA VAL B 188 -27.47 19.49 4.51
C VAL B 188 -28.06 18.34 3.72
N ILE B 189 -27.48 17.16 3.88
CA ILE B 189 -27.93 15.98 3.14
C ILE B 189 -29.35 15.58 3.56
N ALA B 190 -29.67 15.75 4.84
CA ALA B 190 -31.02 15.51 5.29
C ALA B 190 -32.00 16.38 4.49
N CYS B 191 -31.66 17.66 4.31
CA CYS B 191 -32.52 18.57 3.57
C CYS B 191 -32.64 18.14 2.10
N VAL B 192 -31.51 17.76 1.49
CA VAL B 192 -31.51 17.25 0.11
C VAL B 192 -32.50 16.10 -0.05
N CYS B 193 -32.47 15.16 0.89
CA CYS B 193 -33.31 13.98 0.80
C CYS B 193 -34.79 14.28 0.94
N ILE B 194 -35.11 15.14 1.91
CA ILE B 194 -36.49 15.57 2.13
C ILE B 194 -37.01 16.39 0.95
N HIS B 195 -36.15 17.26 0.42
CA HIS B 195 -36.52 18.10 -0.73
C HIS B 195 -36.86 17.22 -1.94
N LEU B 196 -36.01 16.24 -2.20
CA LEU B 196 -36.22 15.29 -3.31
C LEU B 196 -37.55 14.55 -3.13
N ALA B 197 -37.77 14.06 -1.92
CA ALA B 197 -38.99 13.34 -1.57
C ALA B 197 -40.27 14.18 -1.75
N CYS B 198 -40.20 15.43 -1.31
CA CYS B 198 -41.30 16.38 -1.48
C CYS B 198 -41.61 16.61 -2.96
N LYS B 199 -40.58 16.84 -3.76
CA LYS B 199 -40.79 17.09 -5.19
C LYS B 199 -41.39 15.87 -5.87
N TRP B 200 -40.93 14.69 -5.48
CA TRP B 200 -41.42 13.43 -6.04
C TRP B 200 -42.89 13.21 -5.71
N SER B 201 -43.29 13.60 -4.49
CA SER B 201 -44.68 13.50 -4.04
C SER B 201 -45.57 14.72 -4.30
N ASN B 202 -45.03 15.75 -4.95
CA ASN B 202 -45.76 17.02 -5.12
C ASN B 202 -46.31 17.51 -3.76
N TRP B 203 -45.49 17.37 -2.72
CA TRP B 203 -45.82 17.77 -1.34
C TRP B 203 -45.13 19.10 -1.05
N GLU B 204 -45.87 20.05 -0.48
CA GLU B 204 -45.29 21.35 -0.17
C GLU B 204 -45.38 21.57 1.35
N ILE B 205 -44.23 21.83 1.99
CA ILE B 205 -44.20 22.11 3.42
C ILE B 205 -44.34 23.62 3.61
N PRO B 206 -45.38 24.06 4.33
CA PRO B 206 -45.61 25.50 4.50
C PRO B 206 -44.45 26.26 5.12
N VAL B 207 -44.33 27.54 4.76
CA VAL B 207 -43.44 28.45 5.49
C VAL B 207 -44.06 28.76 6.86
N SER B 208 -43.22 29.18 7.79
CA SER B 208 -43.66 29.53 9.14
C SER B 208 -44.22 30.96 9.18
N THR B 209 -44.70 31.39 10.35
CA THR B 209 -45.25 32.74 10.53
C THR B 209 -44.26 33.88 10.30
N ASP B 210 -42.96 33.56 10.39
CA ASP B 210 -41.88 34.50 10.09
C ASP B 210 -41.27 34.28 8.69
N GLY B 211 -41.94 33.47 7.87
CA GLY B 211 -41.52 33.21 6.49
C GLY B 211 -40.40 32.22 6.28
N LYS B 212 -39.87 31.64 7.36
CA LYS B 212 -38.78 30.71 7.23
C LYS B 212 -39.22 29.45 6.50
N HIS B 213 -38.40 29.00 5.55
CA HIS B 213 -38.63 27.75 4.84
C HIS B 213 -38.21 26.60 5.74
N TRP B 214 -38.83 25.44 5.53
CA TRP B 214 -38.66 24.27 6.41
C TRP B 214 -37.18 23.90 6.61
N TRP B 215 -36.37 23.99 5.55
CA TRP B 215 -34.96 23.57 5.64
C TRP B 215 -34.14 24.45 6.60
N GLU B 216 -34.61 25.68 6.84
CA GLU B 216 -33.91 26.60 7.75
C GLU B 216 -33.94 26.16 9.22
N TYR B 217 -34.90 25.31 9.59
CA TYR B 217 -34.97 24.73 10.93
C TYR B 217 -34.02 23.52 11.09
N VAL B 218 -33.51 23.01 9.98
CA VAL B 218 -32.64 21.82 9.96
C VAL B 218 -31.16 22.21 9.79
N ASP B 219 -30.87 23.12 8.86
CA ASP B 219 -29.51 23.59 8.61
C ASP B 219 -29.52 25.09 8.32
N PRO B 220 -28.73 25.87 9.07
CA PRO B 220 -28.74 27.32 8.93
C PRO B 220 -28.11 27.87 7.65
N THR B 221 -27.32 27.05 6.95
CA THR B 221 -26.56 27.50 5.78
C THR B 221 -27.24 27.14 4.44
N VAL B 222 -28.09 26.11 4.45
CA VAL B 222 -28.77 25.63 3.25
C VAL B 222 -29.64 26.69 2.57
N THR B 223 -29.56 26.69 1.24
CA THR B 223 -30.44 27.47 0.38
C THR B 223 -31.19 26.58 -0.59
N LEU B 224 -32.30 27.11 -1.11
CA LEU B 224 -33.07 26.41 -2.13
C LEU B 224 -32.17 26.11 -3.33
N GLU B 225 -31.34 27.07 -3.69
CA GLU B 225 -30.41 26.88 -4.81
C GLU B 225 -29.48 25.67 -4.61
N LEU B 226 -28.94 25.50 -3.41
CA LEU B 226 -28.09 24.34 -3.09
C LEU B 226 -28.90 23.03 -3.14
N LEU B 227 -30.10 23.06 -2.57
CA LEU B 227 -30.98 21.88 -2.56
C LEU B 227 -31.31 21.43 -4.00
N ASP B 228 -31.64 22.39 -4.86
CA ASP B 228 -31.91 22.06 -6.28
C ASP B 228 -30.66 21.51 -6.97
N GLU B 229 -29.50 22.11 -6.74
CA GLU B 229 -28.25 21.62 -7.31
C GLU B 229 -27.93 20.17 -6.89
N LEU B 230 -27.96 19.93 -5.59
CA LEU B 230 -27.58 18.63 -5.04
C LEU B 230 -28.62 17.57 -5.38
N THR B 231 -29.90 17.96 -5.44
CA THR B 231 -30.96 17.04 -5.86
C THR B 231 -30.73 16.57 -7.31
N HIS B 232 -30.43 17.51 -8.22
CA HIS B 232 -30.07 17.19 -9.61
C HIS B 232 -28.86 16.27 -9.69
N GLU B 233 -27.81 16.60 -8.92
CA GLU B 233 -26.61 15.76 -8.89
C GLU B 233 -26.91 14.36 -8.43
N PHE B 234 -27.71 14.25 -7.36
CA PHE B 234 -28.15 12.96 -6.83
C PHE B 234 -28.86 12.18 -7.93
N LEU B 235 -29.80 12.83 -8.61
CA LEU B 235 -30.59 12.14 -9.65
C LEU B 235 -29.70 11.67 -10.82
N GLN B 236 -28.70 12.46 -11.18
CA GLN B 236 -27.81 12.11 -12.27
C GLN B 236 -27.01 10.87 -11.90
N ILE B 237 -26.56 10.82 -10.65
CA ILE B 237 -25.82 9.67 -10.15
C ILE B 237 -26.67 8.40 -10.18
N LEU B 238 -27.94 8.53 -9.78
CA LEU B 238 -28.89 7.42 -9.79
C LEU B 238 -29.08 6.88 -11.20
N GLU B 239 -29.25 7.79 -12.16
CA GLU B 239 -29.46 7.38 -13.54
C GLU B 239 -28.24 6.65 -14.11
N LYS B 240 -27.05 6.97 -13.61
CA LYS B 240 -25.85 6.29 -14.09
C LYS B 240 -25.55 4.98 -13.35
N THR B 241 -26.39 4.63 -12.37
CA THR B 241 -26.38 3.33 -11.69
C THR B 241 -27.65 2.54 -12.09
N PRO B 242 -27.76 2.08 -13.35
CA PRO B 242 -29.06 1.58 -13.86
C PRO B 242 -29.80 0.51 -13.06
N ASN B 243 -29.10 -0.51 -12.52
CA ASN B 243 -29.84 -1.53 -11.76
C ASN B 243 -30.40 -0.99 -10.44
N ARG B 244 -29.61 -0.19 -9.73
CA ARG B 244 -30.11 0.50 -8.54
C ARG B 244 -31.28 1.46 -8.85
N LEU B 245 -31.21 2.14 -10.00
CA LEU B 245 -32.36 2.94 -10.50
C LEU B 245 -33.65 2.14 -10.72
N LYS B 246 -33.54 0.96 -11.32
CA LYS B 246 -34.69 0.09 -11.52
C LYS B 246 -35.29 -0.37 -10.17
N LYS B 247 -34.39 -0.64 -9.21
CA LYS B 247 -34.78 -1.03 -7.85
C LYS B 247 -35.59 0.06 -7.17
N ILE B 248 -35.18 1.32 -7.33
CA ILE B 248 -35.90 2.47 -6.76
C ILE B 248 -37.29 2.63 -7.40
N ARG B 249 -37.38 2.44 -8.72
CA ARG B 249 -38.66 2.49 -9.40
C ARG B 249 -39.57 1.38 -8.91
N ASN B 250 -39.02 0.16 -8.76
CA ASN B 250 -39.81 -0.96 -8.26
CA ASN B 250 -39.77 -0.99 -8.23
C ASN B 250 -40.26 -0.73 -6.82
N TRP B 251 -39.42 -0.08 -6.03
CA TRP B 251 -39.76 0.28 -4.65
C TRP B 251 -40.93 1.28 -4.59
N ARG B 252 -40.91 2.35 -5.40
CA ARG B 252 -42.03 3.32 -5.41
CA ARG B 252 -42.00 3.33 -5.46
C ARG B 252 -43.28 2.70 -6.03
N ALA B 253 -43.12 1.91 -7.08
CA ALA B 253 -44.26 1.18 -7.67
C ALA B 253 -44.95 0.36 -6.57
N ASN B 254 -44.15 -0.28 -5.72
CA ASN B 254 -44.65 -1.04 -4.58
C ASN B 254 -45.31 -0.13 -3.54
N GLN B 255 -44.64 0.99 -3.23
CA GLN B 255 -45.18 1.96 -2.26
C GLN B 255 -46.56 2.46 -2.68
N ALA B 256 -46.68 2.93 -3.93
CA ALA B 256 -47.94 3.42 -4.48
C ALA B 256 -49.05 2.37 -4.45
N ALA B 257 -48.68 1.14 -4.80
CA ALA B 257 -49.62 0.01 -4.82
C ALA B 257 -49.84 -0.56 -3.42
C1 EDO C . 41.27 9.44 -4.99
O1 EDO C . 40.47 10.57 -5.41
C2 EDO C . 42.78 9.64 -5.18
O2 EDO C . 43.16 10.18 -6.45
C1 EDO D . 20.83 0.13 -10.32
O1 EDO D . 22.13 -0.43 -10.04
C2 EDO D . 20.92 1.55 -10.88
O2 EDO D . 21.27 1.52 -12.27
C1 EDO E . 5.09 -11.13 7.90
O1 EDO E . 4.73 -11.42 6.55
C2 EDO E . 6.61 -11.07 8.02
O2 EDO E . 7.09 -9.79 7.58
C1 EDO F . 8.86 -5.87 9.67
O1 EDO F . 8.30 -6.68 10.71
C2 EDO F . 9.94 -4.97 10.26
O2 EDO F . 10.92 -5.79 10.87
C1 EDO G . -39.76 20.86 -0.61
O1 EDO G . -38.82 21.96 -0.68
C2 EDO G . -41.22 21.32 -0.55
O2 EDO G . -41.50 22.26 0.51
C1 EDO H . -10.32 -1.49 -8.30
O1 EDO H . -11.24 -2.20 -9.14
C2 EDO H . -8.89 -1.85 -8.69
O2 EDO H . -8.73 -3.27 -8.68
#